data_4PIO
#
_entry.id   4PIO
#
_cell.length_a   56.709
_cell.length_b   67.511
_cell.length_c   79.679
_cell.angle_alpha   90.000
_cell.angle_beta   110.980
_cell.angle_gamma   90.000
#
_symmetry.space_group_name_H-M   'P 1 21 1'
#
loop_
_entity.id
_entity.type
_entity.pdbx_description
1 polymer 'Histidine-specific methyltransferase EgtD'
2 non-polymer S-ADENOSYL-L-HOMOCYSTEINE
3 non-polymer N,N-dimethyl-L-histidine
4 non-polymer 'MAGNESIUM ION'
5 non-polymer 'CHLORIDE ION'
6 water water
#
_entity_poly.entity_id   1
_entity_poly.type   'polypeptide(L)'
_entity_poly.pdbx_seq_one_letter_code
;GHMALSLANYLAADSAAEALRRDVRAGLTATQKSLPPKWFYDAVGSDLFDQITRLPEYYPTRTEAQILRTRSAEIISAAG
ADTLVELGSGTSEKTRMLLDAMRDAELLRRFIPFDVDAGVLRSAGAAIGAEYPGIEIDAVCGDFEEHLGKIPHVGRRLVV
FLGSTIGNLTPAPRAEFLSTLADTLQPGDSLLLGTDLVKDTGRLVRAYDDAAGVTAAFNRNVLAVVNRELSADFDLDAFE
HVAKWNSDEERIEMWLRARTAQHVRVAALDLEVDFAAGEEMLTEVS(CSD)KFRPENVVAELAEAGLRQTHWWTDPAGDF
GLSLAVR
;
_entity_poly.pdbx_strand_id   A,B
#
# COMPACT_ATOMS: atom_id res chain seq x y z
C ALA A 16 -14.77 -1.66 -8.12
N ALA A 17 -13.99 -1.60 -9.20
CA ALA A 17 -13.63 -0.32 -9.80
C ALA A 17 -14.87 0.43 -10.29
N GLU A 18 -15.79 -0.29 -10.90
CA GLU A 18 -17.05 0.29 -11.36
C GLU A 18 -17.89 0.70 -10.15
N ALA A 19 -17.87 -0.11 -9.10
CA ALA A 19 -18.62 0.17 -7.88
C ALA A 19 -18.20 1.52 -7.28
N LEU A 20 -16.89 1.77 -7.25
CA LEU A 20 -16.37 2.99 -6.65
C LEU A 20 -16.75 4.18 -7.52
N ARG A 21 -16.63 4.02 -8.84
CA ARG A 21 -17.01 5.09 -9.75
C ARG A 21 -18.46 5.52 -9.51
N ARG A 22 -19.34 4.54 -9.45
CA ARG A 22 -20.77 4.83 -9.31
C ARG A 22 -21.11 5.41 -7.95
N ASP A 23 -20.50 4.87 -6.90
CA ASP A 23 -20.72 5.37 -5.55
C ASP A 23 -20.25 6.81 -5.37
N VAL A 24 -19.10 7.13 -5.94
CA VAL A 24 -18.57 8.48 -5.82
C VAL A 24 -19.40 9.46 -6.65
N ARG A 25 -19.77 9.07 -7.87
CA ARG A 25 -20.60 9.96 -8.68
C ARG A 25 -21.93 10.24 -7.98
N ALA A 26 -22.58 9.18 -7.48
CA ALA A 26 -23.90 9.33 -6.86
C ALA A 26 -23.80 10.14 -5.57
N GLY A 27 -22.74 9.88 -4.82
CA GLY A 27 -22.55 10.53 -3.55
C GLY A 27 -22.19 12.00 -3.62
N LEU A 28 -21.36 12.36 -4.60
CA LEU A 28 -20.88 13.73 -4.69
C LEU A 28 -21.83 14.64 -5.45
N THR A 29 -22.75 14.06 -6.23
CA THR A 29 -23.74 14.86 -6.97
C THR A 29 -25.06 15.00 -6.23
N ALA A 30 -25.28 14.22 -5.18
CA ALA A 30 -26.47 14.39 -4.36
C ALA A 30 -26.46 15.73 -3.64
N THR A 31 -27.64 16.28 -3.37
CA THR A 31 -27.72 17.59 -2.72
C THR A 31 -27.07 17.54 -1.34
N GLN A 32 -27.39 16.50 -0.57
CA GLN A 32 -26.64 16.17 0.63
C GLN A 32 -25.55 15.20 0.21
N LYS A 33 -24.32 15.69 0.10
CA LYS A 33 -23.22 14.84 -0.33
C LYS A 33 -22.96 13.75 0.70
N SER A 34 -22.50 12.61 0.21
CA SER A 34 -22.13 11.48 1.06
C SER A 34 -21.14 10.58 0.34
N LEU A 35 -20.43 9.74 1.10
CA LEU A 35 -19.64 8.66 0.52
C LEU A 35 -19.90 7.41 1.37
N PRO A 36 -19.93 6.23 0.72
CA PRO A 36 -20.17 5.02 1.51
C PRO A 36 -18.93 4.63 2.32
N PRO A 37 -19.13 4.18 3.56
CA PRO A 37 -17.99 3.86 4.42
C PRO A 37 -17.18 2.63 4.01
N LYS A 38 -17.70 1.76 3.17
CA LYS A 38 -16.91 0.60 2.75
C LYS A 38 -15.59 1.04 2.13
N TRP A 39 -15.58 2.24 1.54
CA TRP A 39 -14.40 2.74 0.85
C TRP A 39 -13.32 3.31 1.78
N PHE A 40 -13.59 3.41 3.08
CA PHE A 40 -12.52 3.73 4.02
C PHE A 40 -11.39 2.70 4.02
N TYR A 41 -11.74 1.46 3.71
CA TYR A 41 -10.88 0.33 4.06
C TYR A 41 -9.98 -0.12 2.91
N ASP A 42 -9.11 0.78 2.50
CA ASP A 42 -7.93 0.39 1.72
C ASP A 42 -6.83 0.03 2.70
N ALA A 43 -5.61 -0.19 2.24
CA ALA A 43 -4.57 -0.62 3.19
C ALA A 43 -4.35 0.41 4.29
N VAL A 44 -4.26 1.68 3.92
CA VAL A 44 -4.05 2.75 4.89
C VAL A 44 -5.21 2.80 5.88
N GLY A 45 -6.45 2.76 5.36
CA GLY A 45 -7.61 2.87 6.20
C GLY A 45 -7.81 1.70 7.15
N SER A 46 -7.52 0.50 6.68
CA SER A 46 -7.61 -0.69 7.52
C SER A 46 -6.62 -0.60 8.66
N ASP A 47 -5.44 -0.07 8.38
CA ASP A 47 -4.45 0.09 9.44
C ASP A 47 -4.87 1.19 10.42
N LEU A 48 -5.45 2.27 9.90
CA LEU A 48 -5.94 3.32 10.79
C LEU A 48 -7.09 2.79 11.68
N PHE A 49 -7.97 1.97 11.13
CA PHE A 49 -9.00 1.38 11.95
C PHE A 49 -8.37 0.49 13.03
N ASP A 50 -7.38 -0.33 12.66
CA ASP A 50 -6.67 -1.11 13.67
C ASP A 50 -6.17 -0.20 14.82
N GLN A 51 -5.63 0.97 14.49
CA GLN A 51 -5.18 1.89 15.53
C GLN A 51 -6.35 2.41 16.36
N ILE A 52 -7.47 2.71 15.70
CA ILE A 52 -8.68 3.17 16.41
C ILE A 52 -9.04 2.17 17.52
N THR A 53 -8.87 0.87 17.28
CA THR A 53 -9.34 -0.14 18.24
C THR A 53 -8.61 -0.07 19.57
N ARG A 54 -7.47 0.62 19.60
CA ARG A 54 -6.68 0.75 20.83
C ARG A 54 -6.71 2.15 21.43
N LEU A 55 -7.52 3.04 20.86
CA LEU A 55 -7.70 4.36 21.45
C LEU A 55 -8.43 4.28 22.79
N PRO A 56 -8.02 5.10 23.77
CA PRO A 56 -8.75 5.03 25.04
C PRO A 56 -10.22 5.38 24.90
N GLU A 57 -10.57 6.31 24.02
CA GLU A 57 -11.95 6.72 23.86
C GLU A 57 -12.79 5.66 23.18
N TYR A 58 -12.17 4.81 22.37
CA TYR A 58 -12.92 3.87 21.54
C TYR A 58 -13.11 2.57 22.31
N TYR A 59 -14.10 2.56 23.19
CA TYR A 59 -14.42 1.42 24.04
C TYR A 59 -14.95 0.17 23.26
N PRO A 60 -15.48 0.31 22.03
CA PRO A 60 -16.11 -0.91 21.51
C PRO A 60 -15.22 -2.16 21.42
N THR A 61 -13.98 -2.04 20.95
CA THR A 61 -13.20 -3.24 20.72
C THR A 61 -12.88 -3.94 22.02
N ARG A 62 -12.37 -3.22 23.01
CA ARG A 62 -11.96 -3.88 24.24
CA ARG A 62 -11.97 -3.88 24.23
C ARG A 62 -13.17 -4.41 25.01
N THR A 63 -14.31 -3.76 24.87
CA THR A 63 -15.51 -4.21 25.55
CA THR A 63 -15.49 -4.26 25.59
C THR A 63 -16.03 -5.51 24.94
N GLU A 64 -16.08 -5.55 23.62
CA GLU A 64 -16.51 -6.81 22.97
C GLU A 64 -15.49 -7.91 23.22
N ALA A 65 -14.20 -7.55 23.25
CA ALA A 65 -13.15 -8.52 23.51
C ALA A 65 -13.30 -9.12 24.91
N GLN A 66 -13.67 -8.29 25.88
CA GLN A 66 -13.97 -8.73 27.24
C GLN A 66 -15.06 -9.80 27.24
N ILE A 67 -16.14 -9.55 26.52
CA ILE A 67 -17.22 -10.52 26.48
C ILE A 67 -16.75 -11.82 25.84
N LEU A 68 -15.99 -11.71 24.75
CA LEU A 68 -15.50 -12.89 24.05
C LEU A 68 -14.55 -13.71 24.90
N ARG A 69 -13.73 -13.02 25.70
CA ARG A 69 -12.81 -13.69 26.58
C ARG A 69 -13.58 -14.54 27.59
N THR A 70 -14.64 -13.97 28.15
CA THR A 70 -15.46 -14.63 29.13
C THR A 70 -16.30 -15.78 28.53
N ARG A 71 -16.88 -15.51 27.37
CA ARG A 71 -17.92 -16.36 26.81
C ARG A 71 -17.53 -17.27 25.65
N SER A 72 -16.29 -17.21 25.14
CA SER A 72 -15.98 -18.01 23.95
C SER A 72 -16.24 -19.51 24.15
N ALA A 73 -15.86 -20.07 25.29
CA ALA A 73 -16.07 -21.50 25.51
C ALA A 73 -17.57 -21.82 25.45
N GLU A 74 -18.40 -21.00 26.09
CA GLU A 74 -19.83 -21.23 26.07
CA GLU A 74 -19.84 -21.18 26.08
C GLU A 74 -20.41 -21.05 24.67
N ILE A 75 -19.91 -20.08 23.91
CA ILE A 75 -20.39 -19.87 22.55
C ILE A 75 -20.09 -21.10 21.70
N ILE A 76 -18.88 -21.62 21.83
CA ILE A 76 -18.45 -22.77 21.04
C ILE A 76 -19.25 -24.02 21.46
N SER A 77 -19.53 -24.14 22.75
CA SER A 77 -20.36 -25.25 23.24
CA SER A 77 -20.36 -25.25 23.24
C SER A 77 -21.75 -25.16 22.66
N ALA A 78 -22.33 -23.95 22.68
CA ALA A 78 -23.68 -23.77 22.16
C ALA A 78 -23.76 -24.02 20.65
N ALA A 79 -22.72 -23.64 19.93
CA ALA A 79 -22.75 -23.71 18.46
C ALA A 79 -22.36 -25.08 17.90
N GLY A 80 -21.36 -25.70 18.50
CA GLY A 80 -20.88 -27.01 18.06
C GLY A 80 -20.26 -26.98 16.68
N ALA A 81 -19.95 -25.78 16.19
CA ALA A 81 -19.44 -25.57 14.85
C ALA A 81 -18.02 -26.06 14.61
N ASP A 82 -17.74 -26.50 13.38
CA ASP A 82 -16.38 -26.82 12.96
C ASP A 82 -15.80 -25.75 12.04
N THR A 83 -16.64 -24.78 11.67
CA THR A 83 -16.28 -23.75 10.67
C THR A 83 -16.65 -22.37 11.21
N LEU A 84 -15.70 -21.46 11.20
CA LEU A 84 -15.96 -20.09 11.61
C LEU A 84 -15.92 -19.21 10.38
N VAL A 85 -17.06 -18.62 10.05
CA VAL A 85 -17.19 -17.63 9.00
C VAL A 85 -17.20 -16.28 9.66
N GLU A 86 -16.33 -15.36 9.26
CA GLU A 86 -16.35 -14.02 9.85
C GLU A 86 -16.58 -12.92 8.80
N LEU A 87 -17.62 -12.14 9.02
CA LEU A 87 -17.94 -11.03 8.13
C LEU A 87 -17.28 -9.74 8.57
N GLY A 88 -16.70 -9.01 7.62
CA GLY A 88 -15.98 -7.79 7.96
C GLY A 88 -14.89 -8.12 8.95
N SER A 89 -14.09 -9.12 8.61
CA SER A 89 -13.21 -9.76 9.55
C SER A 89 -11.98 -8.92 9.95
N GLY A 90 -11.50 -8.06 9.05
CA GLY A 90 -10.33 -7.24 9.37
C GLY A 90 -9.14 -8.08 9.79
N THR A 91 -8.49 -7.76 10.90
CA THR A 91 -7.33 -8.51 11.32
C THR A 91 -7.68 -9.83 12.03
N SER A 92 -8.97 -10.02 12.33
CA SER A 92 -9.45 -11.17 13.09
C SER A 92 -8.72 -11.36 14.43
N GLU A 93 -8.33 -10.26 15.05
CA GLU A 93 -7.67 -10.34 16.36
C GLU A 93 -8.58 -10.90 17.45
N LYS A 94 -9.80 -10.37 17.56
CA LYS A 94 -10.75 -10.84 18.55
C LYS A 94 -11.17 -12.28 18.26
N THR A 95 -11.19 -12.62 16.98
CA THR A 95 -11.62 -13.93 16.52
C THR A 95 -10.79 -15.07 17.08
N ARG A 96 -9.53 -14.79 17.37
CA ARG A 96 -8.66 -15.83 17.89
C ARG A 96 -9.20 -16.42 19.20
N MET A 97 -9.97 -15.65 19.97
CA MET A 97 -10.54 -16.22 21.19
C MET A 97 -11.57 -17.32 20.85
N LEU A 98 -12.35 -17.10 19.81
CA LEU A 98 -13.29 -18.11 19.36
C LEU A 98 -12.56 -19.30 18.75
N LEU A 99 -11.54 -19.03 17.94
CA LEU A 99 -10.78 -20.12 17.30
C LEU A 99 -10.09 -20.96 18.37
N ASP A 100 -9.52 -20.32 19.39
CA ASP A 100 -8.87 -21.07 20.47
C ASP A 100 -9.89 -21.99 21.17
N ALA A 101 -11.10 -21.50 21.38
CA ALA A 101 -12.12 -22.32 22.04
C ALA A 101 -12.54 -23.48 21.14
N MET A 102 -12.62 -23.23 19.85
CA MET A 102 -12.98 -24.29 18.92
C MET A 102 -11.90 -25.35 18.86
N ARG A 103 -10.65 -24.93 18.96
CA ARG A 103 -9.53 -25.88 18.99
C ARG A 103 -9.49 -26.68 20.29
N ASP A 104 -9.73 -26.02 21.43
CA ASP A 104 -9.81 -26.71 22.72
C ASP A 104 -10.87 -27.81 22.68
N ALA A 105 -11.97 -27.52 22.01
CA ALA A 105 -13.12 -28.42 21.93
C ALA A 105 -12.93 -29.50 20.87
N GLU A 106 -11.79 -29.45 20.19
CA GLU A 106 -11.44 -30.42 19.13
C GLU A 106 -12.45 -30.37 17.97
N LEU A 107 -12.96 -29.16 17.70
CA LEU A 107 -13.98 -28.94 16.66
C LEU A 107 -13.46 -28.25 15.42
N LEU A 108 -12.41 -27.46 15.56
CA LEU A 108 -12.05 -26.52 14.51
C LEU A 108 -11.49 -27.20 13.28
N ARG A 109 -12.12 -26.95 12.12
CA ARG A 109 -11.62 -27.47 10.84
C ARG A 109 -11.35 -26.37 9.83
N ARG A 110 -11.98 -25.22 9.98
CA ARG A 110 -12.07 -24.29 8.86
C ARG A 110 -12.35 -22.86 9.31
N PHE A 111 -11.72 -21.90 8.65
CA PHE A 111 -11.94 -20.47 8.88
C PHE A 111 -12.14 -19.78 7.53
N ILE A 112 -13.24 -19.05 7.44
CA ILE A 112 -13.63 -18.34 6.22
C ILE A 112 -13.79 -16.85 6.54
N PRO A 113 -12.70 -16.08 6.39
CA PRO A 113 -12.83 -14.63 6.58
C PRO A 113 -13.40 -13.97 5.32
N PHE A 114 -14.24 -12.95 5.52
CA PHE A 114 -14.95 -12.27 4.45
C PHE A 114 -14.74 -10.78 4.65
N ASP A 115 -14.22 -10.09 3.64
CA ASP A 115 -13.92 -8.67 3.82
C ASP A 115 -13.80 -7.99 2.46
N VAL A 116 -14.00 -6.70 2.44
CA VAL A 116 -13.88 -5.92 1.20
C VAL A 116 -12.41 -5.64 0.87
N ASP A 117 -11.53 -5.72 1.88
CA ASP A 117 -10.13 -5.35 1.71
C ASP A 117 -9.29 -6.61 1.53
N ALA A 118 -8.87 -6.87 0.29
CA ALA A 118 -8.09 -8.05 -0.04
C ALA A 118 -6.82 -8.18 0.77
N GLY A 119 -6.22 -7.05 1.11
CA GLY A 119 -4.97 -7.04 1.83
C GLY A 119 -5.12 -7.59 3.23
N VAL A 120 -6.19 -7.19 3.91
CA VAL A 120 -6.36 -7.62 5.28
C VAL A 120 -6.70 -9.12 5.32
N LEU A 121 -7.35 -9.60 4.27
CA LEU A 121 -7.61 -11.04 4.14
C LEU A 121 -6.32 -11.85 3.93
N ARG A 122 -5.41 -11.32 3.11
CA ARG A 122 -4.16 -12.00 2.86
C ARG A 122 -3.35 -12.09 4.15
N SER A 123 -3.31 -10.99 4.91
CA SER A 123 -2.57 -10.95 6.16
C SER A 123 -3.17 -11.88 7.21
N ALA A 124 -4.47 -11.75 7.43
CA ALA A 124 -5.14 -12.54 8.45
C ALA A 124 -5.16 -14.02 8.09
N GLY A 125 -5.36 -14.32 6.82
CA GLY A 125 -5.35 -15.69 6.36
C GLY A 125 -4.02 -16.36 6.62
N ALA A 126 -2.94 -15.65 6.30
CA ALA A 126 -1.59 -16.16 6.48
C ALA A 126 -1.30 -16.42 7.96
N ALA A 127 -1.66 -15.45 8.81
CA ALA A 127 -1.41 -15.56 10.24
C ALA A 127 -2.23 -16.67 10.87
N ILE A 128 -3.54 -16.67 10.64
CA ILE A 128 -4.40 -17.65 11.27
C ILE A 128 -4.03 -19.03 10.74
N GLY A 129 -3.68 -19.12 9.44
CA GLY A 129 -3.35 -20.42 8.90
C GLY A 129 -2.16 -21.05 9.61
N ALA A 130 -1.22 -20.20 10.03
CA ALA A 130 0.00 -20.64 10.69
C ALA A 130 -0.20 -20.91 12.17
N GLU A 131 -1.08 -20.11 12.80
CA GLU A 131 -1.38 -20.23 14.22
C GLU A 131 -2.22 -21.45 14.56
N TYR A 132 -2.96 -21.93 13.56
CA TYR A 132 -3.84 -23.09 13.71
C TYR A 132 -3.52 -24.14 12.64
N PRO A 133 -2.41 -24.86 12.84
CA PRO A 133 -2.05 -25.94 11.90
C PRO A 133 -3.18 -26.93 11.71
N GLY A 134 -3.40 -27.31 10.46
CA GLY A 134 -4.43 -28.26 10.13
C GLY A 134 -5.81 -27.70 9.91
N ILE A 135 -5.96 -26.37 9.90
CA ILE A 135 -7.27 -25.82 9.53
C ILE A 135 -7.22 -25.26 8.14
N GLU A 136 -8.33 -25.41 7.42
CA GLU A 136 -8.49 -24.84 6.10
C GLU A 136 -8.82 -23.37 6.22
N ILE A 137 -8.10 -22.53 5.47
CA ILE A 137 -8.36 -21.10 5.35
C ILE A 137 -8.93 -20.85 3.97
N ASP A 138 -10.09 -20.23 3.90
CA ASP A 138 -10.73 -19.96 2.62
C ASP A 138 -11.25 -18.51 2.65
N ALA A 139 -10.41 -17.58 2.22
CA ALA A 139 -10.72 -16.17 2.28
C ALA A 139 -11.63 -15.77 1.13
N VAL A 140 -12.59 -14.91 1.43
CA VAL A 140 -13.55 -14.43 0.45
C VAL A 140 -13.57 -12.90 0.44
N CYS A 141 -13.29 -12.33 -0.73
CA CYS A 141 -13.31 -10.89 -0.90
C CYS A 141 -14.66 -10.47 -1.46
N GLY A 142 -15.32 -9.53 -0.81
CA GLY A 142 -16.59 -9.04 -1.29
C GLY A 142 -17.20 -8.02 -0.36
N ASP A 143 -18.39 -7.56 -0.76
CA ASP A 143 -19.21 -6.60 -0.05
C ASP A 143 -20.31 -7.38 0.66
N PHE A 144 -20.45 -7.26 1.98
CA PHE A 144 -21.40 -8.12 2.69
C PHE A 144 -22.85 -7.77 2.38
N GLU A 145 -23.09 -6.65 1.69
CA GLU A 145 -24.44 -6.34 1.22
C GLU A 145 -24.82 -6.95 -0.13
N GLU A 146 -23.84 -7.53 -0.84
CA GLU A 146 -24.08 -8.05 -2.19
C GLU A 146 -23.53 -9.45 -2.44
N HIS A 147 -22.48 -9.86 -1.71
CA HIS A 147 -21.70 -11.04 -2.09
C HIS A 147 -21.68 -12.16 -1.07
N LEU A 148 -22.69 -12.23 -0.21
CA LEU A 148 -22.74 -13.33 0.76
C LEU A 148 -22.81 -14.70 0.09
N GLY A 149 -23.31 -14.75 -1.15
CA GLY A 149 -23.35 -16.00 -1.89
C GLY A 149 -21.98 -16.56 -2.29
N LYS A 150 -20.93 -15.77 -2.11
CA LYS A 150 -19.58 -16.26 -2.36
C LYS A 150 -19.08 -17.14 -1.21
N ILE A 151 -19.72 -17.04 -0.06
CA ILE A 151 -19.32 -17.82 1.10
C ILE A 151 -19.79 -19.28 0.94
N PRO A 152 -18.83 -20.23 0.87
CA PRO A 152 -19.21 -21.64 0.75
C PRO A 152 -20.15 -22.12 1.84
N HIS A 153 -21.16 -22.90 1.47
CA HIS A 153 -22.00 -23.58 2.43
C HIS A 153 -21.33 -24.92 2.68
N VAL A 154 -20.52 -24.96 3.74
CA VAL A 154 -19.71 -26.11 4.07
CA VAL A 154 -19.79 -26.18 4.09
C VAL A 154 -19.67 -26.30 5.59
N GLY A 155 -19.74 -27.54 6.05
CA GLY A 155 -19.57 -27.84 7.46
C GLY A 155 -20.71 -27.32 8.31
N ARG A 156 -20.43 -27.19 9.60
CA ARG A 156 -21.36 -26.63 10.57
C ARG A 156 -20.79 -25.26 10.94
N ARG A 157 -21.53 -24.22 10.59
CA ARG A 157 -20.94 -22.87 10.61
C ARG A 157 -21.40 -21.98 11.74
N LEU A 158 -20.42 -21.41 12.44
CA LEU A 158 -20.61 -20.27 13.31
C LEU A 158 -20.27 -19.03 12.49
N VAL A 159 -21.28 -18.27 12.12
CA VAL A 159 -21.10 -17.04 11.37
C VAL A 159 -21.01 -15.90 12.37
N VAL A 160 -19.93 -15.15 12.28
CA VAL A 160 -19.56 -14.11 13.24
C VAL A 160 -19.52 -12.75 12.58
N PHE A 161 -20.16 -11.74 13.19
CA PHE A 161 -20.13 -10.38 12.67
C PHE A 161 -19.95 -9.46 13.87
N LEU A 162 -18.69 -9.20 14.16
CA LEU A 162 -18.31 -8.48 15.36
C LEU A 162 -18.24 -6.98 15.16
N GLY A 163 -18.05 -6.27 16.27
CA GLY A 163 -17.61 -4.90 16.18
C GLY A 163 -18.70 -3.86 16.05
N SER A 164 -19.94 -4.31 15.93
CA SER A 164 -21.08 -3.44 15.62
C SER A 164 -20.96 -2.84 14.21
N THR A 165 -20.25 -3.56 13.34
CA THR A 165 -20.21 -3.18 11.94
C THR A 165 -21.62 -3.24 11.35
N ILE A 166 -22.50 -4.05 11.92
CA ILE A 166 -23.88 -4.08 11.42
C ILE A 166 -24.54 -2.71 11.62
N GLY A 167 -24.04 -1.94 12.59
CA GLY A 167 -24.51 -0.58 12.80
C GLY A 167 -24.07 0.41 11.75
N ASN A 168 -23.19 0.00 10.84
CA ASN A 168 -22.75 0.87 9.76
C ASN A 168 -23.67 0.73 8.55
N LEU A 169 -24.80 0.06 8.74
CA LEU A 169 -25.91 0.00 7.78
C LEU A 169 -27.10 0.68 8.42
N THR A 170 -27.79 1.54 7.67
CA THR A 170 -28.99 2.19 8.18
C THR A 170 -30.10 1.14 8.26
N PRO A 171 -31.24 1.47 8.88
CA PRO A 171 -32.22 0.43 9.18
C PRO A 171 -32.75 -0.40 8.00
N ALA A 172 -33.10 0.18 6.86
CA ALA A 172 -33.65 -0.66 5.78
C ALA A 172 -32.58 -1.58 5.17
N PRO A 173 -31.40 -1.03 4.84
CA PRO A 173 -30.35 -1.94 4.36
C PRO A 173 -29.95 -2.99 5.41
N ARG A 174 -29.95 -2.61 6.69
CA ARG A 174 -29.62 -3.57 7.74
C ARG A 174 -30.61 -4.73 7.77
N ALA A 175 -31.89 -4.39 7.66
CA ALA A 175 -32.92 -5.44 7.69
C ALA A 175 -32.76 -6.35 6.50
N GLU A 176 -32.47 -5.76 5.34
CA GLU A 176 -32.29 -6.56 4.15
C GLU A 176 -31.06 -7.47 4.26
N PHE A 177 -29.98 -6.94 4.84
CA PHE A 177 -28.77 -7.72 5.09
C PHE A 177 -29.04 -8.90 6.03
N LEU A 178 -29.74 -8.63 7.13
CA LEU A 178 -29.97 -9.67 8.13
C LEU A 178 -30.85 -10.77 7.57
N SER A 179 -31.89 -10.40 6.83
CA SER A 179 -32.76 -11.39 6.21
CA SER A 179 -32.76 -11.39 6.22
C SER A 179 -31.98 -12.24 5.22
N THR A 180 -31.13 -11.59 4.42
CA THR A 180 -30.33 -12.29 3.45
C THR A 180 -29.36 -13.23 4.13
N LEU A 181 -28.74 -12.77 5.22
CA LEU A 181 -27.80 -13.58 5.94
C LEU A 181 -28.53 -14.77 6.59
N ALA A 182 -29.69 -14.51 7.16
CA ALA A 182 -30.47 -15.56 7.81
C ALA A 182 -30.78 -16.68 6.82
N ASP A 183 -31.09 -16.33 5.59
CA ASP A 183 -31.47 -17.33 4.61
C ASP A 183 -30.29 -18.23 4.20
N THR A 184 -29.06 -17.84 4.56
CA THR A 184 -27.89 -18.68 4.28
C THR A 184 -27.63 -19.69 5.39
N LEU A 185 -28.32 -19.54 6.52
CA LEU A 185 -28.05 -20.38 7.67
C LEU A 185 -28.87 -21.65 7.61
N GLN A 186 -28.18 -22.78 7.71
CA GLN A 186 -28.85 -24.06 7.74
C GLN A 186 -29.16 -24.43 9.17
N PRO A 187 -29.99 -25.45 9.37
CA PRO A 187 -30.13 -25.86 10.76
C PRO A 187 -28.77 -26.36 11.21
N GLY A 188 -28.39 -26.02 12.43
CA GLY A 188 -27.06 -26.36 12.89
C GLY A 188 -26.10 -25.19 12.81
N ASP A 189 -26.38 -24.24 11.93
CA ASP A 189 -25.55 -23.02 11.87
C ASP A 189 -26.03 -22.03 12.93
N SER A 190 -25.18 -21.08 13.28
CA SER A 190 -25.42 -20.07 14.30
C SER A 190 -24.85 -18.75 13.84
N LEU A 191 -25.45 -17.64 14.28
CA LEU A 191 -24.94 -16.30 14.07
C LEU A 191 -24.54 -15.69 15.41
N LEU A 192 -23.30 -15.24 15.49
CA LEU A 192 -22.81 -14.43 16.60
C LEU A 192 -22.67 -12.97 16.15
N LEU A 193 -23.43 -12.07 16.78
CA LEU A 193 -23.56 -10.70 16.34
C LEU A 193 -23.21 -9.69 17.42
N GLY A 194 -22.28 -8.78 17.13
CA GLY A 194 -21.93 -7.74 18.07
C GLY A 194 -22.66 -6.47 17.77
N THR A 195 -23.24 -5.85 18.79
CA THR A 195 -23.98 -4.59 18.65
C THR A 195 -23.63 -3.62 19.77
N ASP A 196 -23.20 -2.42 19.43
CA ASP A 196 -22.88 -1.40 20.39
C ASP A 196 -24.18 -0.76 20.86
N LEU A 197 -24.23 -0.43 22.14
CA LEU A 197 -25.48 -0.06 22.80
C LEU A 197 -25.58 1.43 23.11
N VAL A 198 -26.81 1.91 23.12
CA VAL A 198 -27.08 3.28 23.55
CA VAL A 198 -27.08 3.27 23.55
C VAL A 198 -26.53 3.49 24.96
N LYS A 199 -25.96 4.67 25.17
CA LYS A 199 -25.26 5.00 26.41
C LYS A 199 -25.07 6.50 26.47
N ASP A 200 -24.32 6.96 27.46
CA ASP A 200 -23.99 8.37 27.61
C ASP A 200 -23.52 8.98 26.30
N THR A 201 -24.14 10.08 25.90
CA THR A 201 -23.86 10.64 24.60
C THR A 201 -22.47 11.25 24.50
N GLY A 202 -21.89 11.67 25.61
CA GLY A 202 -20.52 12.20 25.58
C GLY A 202 -19.50 11.10 25.29
N ARG A 203 -19.70 9.95 25.93
CA ARG A 203 -18.82 8.80 25.68
C ARG A 203 -18.91 8.38 24.24
N LEU A 204 -20.12 8.40 23.69
CA LEU A 204 -20.33 8.05 22.29
C LEU A 204 -19.59 8.99 21.35
N VAL A 205 -19.78 10.30 21.50
CA VAL A 205 -19.15 11.25 20.57
C VAL A 205 -17.63 11.15 20.70
N ARG A 206 -17.11 11.09 21.92
CA ARG A 206 -15.66 11.05 22.11
C ARG A 206 -15.03 9.81 21.46
N ALA A 207 -15.78 8.72 21.43
CA ALA A 207 -15.27 7.48 20.82
C ALA A 207 -15.00 7.64 19.34
N TYR A 208 -15.58 8.70 18.74
CA TYR A 208 -15.43 8.99 17.31
C TYR A 208 -14.73 10.33 17.05
N ASP A 209 -14.06 10.83 18.08
CA ASP A 209 -13.43 12.15 18.03
C ASP A 209 -12.29 12.19 19.06
N ASP A 210 -11.36 11.26 18.90
CA ASP A 210 -10.31 11.03 19.87
C ASP A 210 -9.29 12.17 19.92
N ALA A 211 -8.67 12.34 21.07
CA ALA A 211 -7.65 13.36 21.26
C ALA A 211 -6.45 13.17 20.31
N ALA A 212 -6.15 11.92 19.95
CA ALA A 212 -4.98 11.64 19.12
C ALA A 212 -5.16 12.03 17.62
N GLY A 213 -6.38 12.31 17.18
CA GLY A 213 -6.63 12.64 15.79
C GLY A 213 -6.67 11.44 14.84
N VAL A 214 -6.77 10.23 15.37
CA VAL A 214 -6.69 9.04 14.53
C VAL A 214 -8.01 8.83 13.77
N THR A 215 -9.14 9.01 14.44
CA THR A 215 -10.43 8.88 13.77
C THR A 215 -10.52 9.93 12.65
N ALA A 216 -10.05 11.14 12.91
CA ALA A 216 -10.10 12.18 11.88
C ALA A 216 -9.26 11.79 10.66
N ALA A 217 -8.11 11.16 10.88
CA ALA A 217 -7.30 10.67 9.76
C ALA A 217 -8.00 9.54 8.99
N PHE A 218 -8.63 8.65 9.72
CA PHE A 218 -9.41 7.55 9.14
C PHE A 218 -10.51 8.13 8.26
N ASN A 219 -11.23 9.11 8.79
CA ASN A 219 -12.32 9.73 8.04
C ASN A 219 -11.81 10.42 6.77
N ARG A 220 -10.81 11.29 6.91
CA ARG A 220 -10.23 11.94 5.74
CA ARG A 220 -10.24 11.95 5.74
C ARG A 220 -9.65 10.97 4.72
N ASN A 221 -9.26 9.78 5.15
CA ASN A 221 -8.64 8.82 4.23
C ASN A 221 -9.57 8.39 3.07
N VAL A 222 -10.88 8.52 3.22
CA VAL A 222 -11.76 8.19 2.11
C VAL A 222 -11.49 9.17 0.96
N LEU A 223 -11.10 10.39 1.28
CA LEU A 223 -10.74 11.35 0.24
C LEU A 223 -9.42 10.94 -0.45
N ALA A 224 -8.48 10.41 0.31
CA ALA A 224 -7.25 9.87 -0.29
C ALA A 224 -7.55 8.70 -1.23
N VAL A 225 -8.48 7.87 -0.85
CA VAL A 225 -8.89 6.75 -1.67
C VAL A 225 -9.45 7.27 -3.00
N VAL A 226 -10.39 8.20 -2.92
CA VAL A 226 -10.99 8.75 -4.14
C VAL A 226 -9.91 9.45 -4.98
N ASN A 227 -9.01 10.17 -4.32
CA ASN A 227 -7.94 10.87 -5.03
C ASN A 227 -7.11 9.88 -5.85
N ARG A 228 -6.66 8.81 -5.22
CA ARG A 228 -5.82 7.83 -5.89
C ARG A 228 -6.58 7.05 -6.96
N GLU A 229 -7.69 6.45 -6.57
CA GLU A 229 -8.38 5.53 -7.45
C GLU A 229 -9.03 6.23 -8.64
N LEU A 230 -9.53 7.43 -8.41
CA LEU A 230 -10.30 8.15 -9.45
C LEU A 230 -9.63 9.44 -9.91
N SER A 231 -8.36 9.59 -9.58
CA SER A 231 -7.57 10.74 -10.00
C SER A 231 -8.27 12.05 -9.66
N ALA A 232 -8.65 12.20 -8.39
CA ALA A 232 -9.26 13.42 -7.87
C ALA A 232 -8.25 14.27 -7.12
N ASP A 233 -8.66 15.47 -6.74
CA ASP A 233 -7.76 16.44 -6.13
C ASP A 233 -8.34 17.07 -4.85
N PHE A 234 -9.03 16.25 -4.05
CA PHE A 234 -9.41 16.66 -2.73
C PHE A 234 -8.17 17.11 -1.99
N ASP A 235 -8.27 18.25 -1.33
CA ASP A 235 -7.27 18.71 -0.39
C ASP A 235 -7.67 18.24 1.00
N LEU A 236 -7.05 17.15 1.48
CA LEU A 236 -7.51 16.53 2.74
C LEU A 236 -7.55 17.50 3.91
N ASP A 237 -6.56 18.38 4.07
CA ASP A 237 -6.59 19.17 5.31
C ASP A 237 -7.50 20.41 5.19
N ALA A 238 -8.17 20.55 4.04
CA ALA A 238 -9.25 21.53 3.92
C ALA A 238 -10.56 21.02 4.51
N PHE A 239 -10.62 19.75 4.88
CA PHE A 239 -11.84 19.16 5.43
C PHE A 239 -11.70 18.84 6.91
N GLU A 240 -12.63 19.38 7.70
CA GLU A 240 -12.68 19.16 9.13
C GLU A 240 -13.44 17.88 9.46
N HIS A 241 -12.88 17.10 10.38
CA HIS A 241 -13.57 15.94 10.94
C HIS A 241 -14.62 16.38 11.93
N VAL A 242 -15.86 15.91 11.74
CA VAL A 242 -16.97 16.21 12.66
C VAL A 242 -17.72 14.93 13.00
N ALA A 243 -17.77 14.61 14.29
CA ALA A 243 -18.54 13.47 14.81
C ALA A 243 -19.76 14.02 15.54
N LYS A 244 -20.94 13.51 15.20
CA LYS A 244 -22.18 13.96 15.83
C LYS A 244 -22.98 12.81 16.40
N TRP A 245 -23.69 13.09 17.50
CA TRP A 245 -24.71 12.19 18.00
C TRP A 245 -26.07 12.70 17.54
N ASN A 246 -26.78 11.83 16.85
CA ASN A 246 -28.11 12.09 16.35
C ASN A 246 -29.09 11.36 17.26
N SER A 247 -29.74 12.11 18.14
CA SER A 247 -30.52 11.51 19.22
C SER A 247 -31.86 10.99 18.71
N ASP A 248 -32.35 11.57 17.62
CA ASP A 248 -33.59 11.11 17.01
C ASP A 248 -33.44 9.69 16.46
N GLU A 249 -32.32 9.45 15.77
CA GLU A 249 -32.07 8.18 15.11
C GLU A 249 -31.21 7.25 15.98
N GLU A 250 -30.71 7.80 17.08
CA GLU A 250 -29.81 7.11 17.99
C GLU A 250 -28.63 6.52 17.25
N ARG A 251 -27.91 7.39 16.54
CA ARG A 251 -26.74 6.99 15.79
CA ARG A 251 -26.74 7.00 15.77
C ARG A 251 -25.64 8.04 15.87
N ILE A 252 -24.41 7.56 15.84
CA ILE A 252 -23.27 8.42 15.59
C ILE A 252 -23.19 8.68 14.09
N GLU A 253 -22.80 9.89 13.73
CA GLU A 253 -22.53 10.23 12.35
C GLU A 253 -21.13 10.78 12.24
N MET A 254 -20.41 10.40 11.19
CA MET A 254 -19.17 11.06 10.84
C MET A 254 -19.39 11.90 9.61
N TRP A 255 -18.88 13.13 9.69
CA TRP A 255 -18.96 14.11 8.61
C TRP A 255 -17.59 14.67 8.27
N LEU A 256 -17.43 15.10 7.03
CA LEU A 256 -16.31 15.94 6.63
C LEU A 256 -16.86 17.30 6.24
N ARG A 257 -16.32 18.35 6.87
CA ARG A 257 -16.81 19.73 6.71
C ARG A 257 -15.75 20.59 6.03
N ALA A 258 -16.11 21.18 4.91
CA ALA A 258 -15.18 22.02 4.17
C ALA A 258 -14.92 23.33 4.94
N ARG A 259 -13.65 23.65 5.19
CA ARG A 259 -13.32 24.80 6.02
C ARG A 259 -13.50 26.07 5.23
N THR A 260 -13.23 25.93 3.93
CA THR A 260 -13.38 26.99 2.95
C THR A 260 -13.99 26.36 1.70
N ALA A 261 -14.44 27.18 0.76
CA ALA A 261 -15.02 26.63 -0.47
C ALA A 261 -13.96 25.83 -1.22
N GLN A 262 -14.39 24.72 -1.81
CA GLN A 262 -13.50 23.82 -2.51
C GLN A 262 -14.08 23.47 -3.86
N HIS A 263 -13.21 23.41 -4.86
CA HIS A 263 -13.56 22.94 -6.18
C HIS A 263 -12.77 21.66 -6.40
N VAL A 264 -13.49 20.57 -6.63
CA VAL A 264 -12.88 19.25 -6.72
C VAL A 264 -13.13 18.66 -8.09
N ARG A 265 -12.05 18.24 -8.74
CA ARG A 265 -12.13 17.55 -10.02
CA ARG A 265 -12.14 17.54 -10.02
C ARG A 265 -11.86 16.07 -9.82
N VAL A 266 -12.81 15.23 -10.22
CA VAL A 266 -12.61 13.78 -10.19
C VAL A 266 -12.37 13.36 -11.63
N ALA A 267 -11.10 13.22 -12.01
CA ALA A 267 -10.77 13.11 -13.42
C ALA A 267 -11.31 11.83 -14.05
N ALA A 268 -11.35 10.72 -13.30
CA ALA A 268 -11.79 9.45 -13.86
C ALA A 268 -13.27 9.49 -14.21
N LEU A 269 -14.00 10.41 -13.59
CA LEU A 269 -15.42 10.58 -13.82
C LEU A 269 -15.72 11.76 -14.74
N ASP A 270 -14.67 12.50 -15.14
CA ASP A 270 -14.86 13.73 -15.90
C ASP A 270 -15.88 14.62 -15.16
N LEU A 271 -15.70 14.71 -13.84
CA LEU A 271 -16.67 15.34 -12.96
C LEU A 271 -16.03 16.45 -12.16
N GLU A 272 -16.75 17.57 -12.04
CA GLU A 272 -16.39 18.67 -11.17
C GLU A 272 -17.50 18.88 -10.15
N VAL A 273 -17.14 18.93 -8.87
CA VAL A 273 -18.13 19.30 -7.85
C VAL A 273 -17.58 20.37 -6.95
N ASP A 274 -18.50 21.07 -6.31
CA ASP A 274 -18.15 22.17 -5.45
C ASP A 274 -18.65 21.93 -4.03
N PHE A 275 -17.82 22.34 -3.08
CA PHE A 275 -18.22 22.42 -1.68
C PHE A 275 -18.28 23.89 -1.27
N ALA A 276 -19.39 24.31 -0.68
CA ALA A 276 -19.47 25.63 -0.08
C ALA A 276 -18.68 25.64 1.23
N ALA A 277 -18.29 26.83 1.68
CA ALA A 277 -17.63 26.91 2.99
C ALA A 277 -18.64 26.44 4.02
N GLY A 278 -18.24 25.51 4.87
CA GLY A 278 -19.13 25.00 5.89
C GLY A 278 -19.95 23.79 5.46
N GLU A 279 -19.90 23.44 4.18
CA GLU A 279 -20.70 22.33 3.66
C GLU A 279 -20.18 21.03 4.26
N GLU A 280 -21.12 20.21 4.72
CA GLU A 280 -20.81 18.92 5.36
C GLU A 280 -21.24 17.76 4.46
N MET A 281 -20.39 16.73 4.46
CA MET A 281 -20.58 15.52 3.67
C MET A 281 -20.58 14.32 4.63
N LEU A 282 -21.59 13.48 4.54
CA LEU A 282 -21.71 12.30 5.41
C LEU A 282 -20.86 11.15 4.94
N THR A 283 -19.98 10.64 5.80
CA THR A 283 -19.10 9.56 5.40
C THR A 283 -19.43 8.25 6.14
N GLU A 284 -20.17 8.33 7.25
CA GLU A 284 -20.49 7.10 7.99
C GLU A 284 -21.58 7.31 9.02
N VAL A 285 -22.47 6.33 9.15
CA VAL A 285 -23.36 6.25 10.30
C VAL A 285 -22.93 5.06 11.15
N SER A 286 -23.13 5.18 12.46
CA SER A 286 -22.96 4.07 13.36
C SER A 286 -24.15 4.01 14.33
N LYS A 288 -26.69 2.85 17.05
CA LYS A 288 -26.53 2.26 18.38
C LYS A 288 -27.84 1.63 18.82
N PHE A 289 -27.73 0.51 19.52
CA PHE A 289 -28.86 -0.37 19.77
C PHE A 289 -29.35 -0.37 21.21
N ARG A 290 -30.66 -0.52 21.35
CA ARG A 290 -31.27 -0.86 22.62
C ARG A 290 -31.36 -2.40 22.66
N PRO A 291 -30.94 -3.02 23.76
CA PRO A 291 -30.91 -4.49 23.82
C PRO A 291 -32.19 -5.19 23.39
N GLU A 292 -33.35 -4.70 23.81
CA GLU A 292 -34.55 -5.41 23.48
C GLU A 292 -34.87 -5.29 21.99
N ASN A 293 -34.42 -4.21 21.36
CA ASN A 293 -34.62 -4.07 19.91
C ASN A 293 -33.75 -5.04 19.11
N VAL A 294 -32.64 -5.49 19.66
CA VAL A 294 -31.82 -6.46 18.94
C VAL A 294 -32.56 -7.78 18.77
N VAL A 295 -33.29 -8.20 19.82
CA VAL A 295 -34.07 -9.39 19.73
C VAL A 295 -35.09 -9.26 18.62
N ALA A 296 -35.73 -8.09 18.55
CA ALA A 296 -36.79 -7.87 17.58
C ALA A 296 -36.25 -7.84 16.15
N GLU A 297 -35.09 -7.22 15.95
CA GLU A 297 -34.52 -7.16 14.62
C GLU A 297 -34.13 -8.55 14.13
N LEU A 298 -33.57 -9.36 15.03
CA LEU A 298 -33.26 -10.73 14.70
C LEU A 298 -34.52 -11.50 14.33
N ALA A 299 -35.57 -11.36 15.14
CA ALA A 299 -36.81 -12.08 14.91
C ALA A 299 -37.44 -11.70 13.57
N GLU A 300 -37.37 -10.42 13.25
CA GLU A 300 -37.89 -9.93 11.98
C GLU A 300 -37.18 -10.59 10.80
N ALA A 301 -35.91 -10.94 10.98
CA ALA A 301 -35.10 -11.56 9.93
C ALA A 301 -35.26 -13.06 9.88
N GLY A 302 -36.04 -13.60 10.80
CA GLY A 302 -36.25 -15.04 10.91
C GLY A 302 -35.27 -15.75 11.82
N LEU A 303 -34.61 -14.98 12.68
CA LEU A 303 -33.64 -15.53 13.61
C LEU A 303 -34.10 -15.43 15.05
N ARG A 304 -33.91 -16.53 15.77
CA ARG A 304 -34.24 -16.60 17.19
C ARG A 304 -32.95 -16.41 17.99
N GLN A 305 -32.90 -15.33 18.75
CA GLN A 305 -31.80 -15.13 19.67
C GLN A 305 -31.85 -16.23 20.75
N THR A 306 -30.75 -16.93 20.94
CA THR A 306 -30.67 -18.02 21.93
C THR A 306 -29.85 -17.63 23.16
N HIS A 307 -28.91 -16.70 22.96
CA HIS A 307 -28.08 -16.17 24.05
C HIS A 307 -27.85 -14.67 23.85
N TRP A 308 -27.68 -13.97 24.98
CA TRP A 308 -27.33 -12.56 25.00
C TRP A 308 -26.35 -12.31 26.12
N TRP A 309 -25.24 -11.67 25.79
CA TRP A 309 -24.25 -11.30 26.78
C TRP A 309 -23.87 -9.83 26.66
N THR A 310 -23.50 -9.24 27.79
CA THR A 310 -23.04 -7.89 27.80
C THR A 310 -21.79 -7.83 28.68
N ASP A 311 -20.96 -6.81 28.51
CA ASP A 311 -19.82 -6.60 29.37
C ASP A 311 -20.25 -6.10 30.76
N PRO A 312 -19.33 -6.04 31.71
CA PRO A 312 -19.73 -5.66 33.07
C PRO A 312 -20.34 -4.28 33.20
N ALA A 313 -20.07 -3.38 32.26
CA ALA A 313 -20.63 -2.03 32.32
C ALA A 313 -21.88 -1.87 31.48
N GLY A 314 -22.23 -2.89 30.69
CA GLY A 314 -23.38 -2.81 29.80
C GLY A 314 -23.13 -1.92 28.59
N ASP A 315 -21.87 -1.77 28.20
CA ASP A 315 -21.54 -0.92 27.07
C ASP A 315 -21.86 -1.53 25.72
N PHE A 316 -21.79 -2.87 25.63
CA PHE A 316 -21.75 -3.58 24.35
C PHE A 316 -22.53 -4.87 24.50
N GLY A 317 -23.18 -5.32 23.45
CA GLY A 317 -23.91 -6.58 23.49
C GLY A 317 -23.51 -7.58 22.42
N LEU A 318 -23.57 -8.85 22.78
CA LEU A 318 -23.29 -9.96 21.90
C LEU A 318 -24.45 -10.94 21.90
N SER A 319 -24.96 -11.24 20.70
CA SER A 319 -26.07 -12.18 20.50
C SER A 319 -25.60 -13.45 19.83
N LEU A 320 -26.17 -14.58 20.26
CA LEU A 320 -26.10 -15.78 19.48
C LEU A 320 -27.50 -16.10 19.01
N ALA A 321 -27.65 -16.46 17.74
CA ALA A 321 -28.99 -16.69 17.19
C ALA A 321 -28.97 -17.83 16.18
N VAL A 322 -30.13 -18.46 15.99
CA VAL A 322 -30.27 -19.58 15.06
C VAL A 322 -31.55 -19.42 14.26
N ARG A 323 -31.66 -20.19 13.18
CA ARG A 323 -32.94 -20.33 12.47
C ARG A 323 -33.94 -21.12 13.29
N SER B 6 25.38 -13.77 -21.49
CA SER B 6 24.13 -13.74 -22.24
C SER B 6 23.35 -12.46 -21.96
N LEU B 7 23.03 -11.72 -23.02
CA LEU B 7 22.31 -10.45 -22.90
C LEU B 7 21.14 -10.35 -23.87
N ALA B 8 19.95 -10.14 -23.32
CA ALA B 8 18.76 -9.79 -24.10
C ALA B 8 18.64 -8.26 -24.08
N ASN B 9 18.79 -7.62 -25.24
CA ASN B 9 18.85 -6.16 -25.31
C ASN B 9 17.64 -5.54 -26.00
N TYR B 10 16.74 -4.98 -25.19
CA TYR B 10 15.55 -4.32 -25.72
C TYR B 10 15.74 -2.81 -25.85
N LEU B 11 16.94 -2.34 -25.53
CA LEU B 11 17.30 -0.92 -25.73
C LEU B 11 18.61 -0.82 -26.50
N ALA B 12 18.68 -1.54 -27.61
CA ALA B 12 19.80 -1.44 -28.54
C ALA B 12 19.71 -0.10 -29.26
N ALA B 13 20.64 0.13 -30.19
CA ALA B 13 20.80 1.45 -30.80
C ALA B 13 19.49 2.09 -31.25
N ASP B 14 18.70 1.38 -32.06
CA ASP B 14 17.46 1.95 -32.59
C ASP B 14 16.47 2.21 -31.47
N SER B 15 16.24 1.20 -30.64
CA SER B 15 15.20 1.29 -29.62
C SER B 15 15.49 2.36 -28.56
N ALA B 16 16.74 2.49 -28.16
CA ALA B 16 17.16 3.51 -27.21
C ALA B 16 17.02 4.91 -27.79
N ALA B 17 17.39 5.06 -29.06
CA ALA B 17 17.27 6.34 -29.73
C ALA B 17 15.81 6.74 -29.83
N GLU B 18 14.95 5.76 -30.13
CA GLU B 18 13.52 5.99 -30.23
C GLU B 18 12.92 6.45 -28.89
N ALA B 19 13.26 5.77 -27.80
CA ALA B 19 12.73 6.17 -26.48
C ALA B 19 13.22 7.55 -26.09
N LEU B 20 14.50 7.79 -26.32
CA LEU B 20 15.08 9.08 -25.97
C LEU B 20 14.46 10.21 -26.80
N ARG B 21 14.23 9.98 -28.08
CA ARG B 21 13.55 11.00 -28.90
C ARG B 21 12.17 11.31 -28.34
N ARG B 22 11.41 10.28 -28.06
CA ARG B 22 10.08 10.46 -27.50
C ARG B 22 10.14 11.26 -26.20
N ASP B 23 11.03 10.86 -25.29
CA ASP B 23 11.09 11.45 -23.94
C ASP B 23 11.55 12.92 -23.95
N VAL B 24 12.53 13.22 -24.78
CA VAL B 24 13.08 14.57 -24.83
C VAL B 24 12.08 15.52 -25.48
N ARG B 25 11.39 15.07 -26.53
CA ARG B 25 10.44 15.99 -27.16
C ARG B 25 9.33 16.33 -26.18
N ALA B 26 8.81 15.32 -25.47
CA ALA B 26 7.73 15.51 -24.53
C ALA B 26 8.17 16.39 -23.38
N GLY B 27 9.38 16.15 -22.90
CA GLY B 27 9.87 16.82 -21.71
C GLY B 27 10.23 18.28 -21.96
N LEU B 28 10.77 18.58 -23.13
CA LEU B 28 11.22 19.93 -23.42
C LEU B 28 10.13 20.81 -24.03
N THR B 29 9.00 20.23 -24.44
CA THR B 29 7.89 21.03 -24.97
C THR B 29 6.76 21.24 -23.98
N ALA B 30 6.97 20.83 -22.74
CA ALA B 30 6.01 21.11 -21.68
C ALA B 30 6.34 22.49 -21.14
N THR B 31 5.34 23.20 -20.60
CA THR B 31 5.59 24.51 -19.99
C THR B 31 6.62 24.40 -18.88
N GLN B 32 6.40 23.42 -18.01
CA GLN B 32 7.41 23.00 -17.04
C GLN B 32 8.29 21.93 -17.66
N LYS B 33 9.49 22.32 -18.09
CA LYS B 33 10.38 21.38 -18.73
C LYS B 33 10.88 20.31 -17.77
N SER B 34 11.11 19.11 -18.31
CA SER B 34 11.69 18.02 -17.52
C SER B 34 12.43 17.08 -18.45
N LEU B 35 13.32 16.26 -17.88
CA LEU B 35 13.87 15.10 -18.59
C LEU B 35 13.79 13.88 -17.67
N PRO B 36 13.55 12.69 -18.22
CA PRO B 36 13.49 11.51 -17.35
C PRO B 36 14.86 11.06 -16.83
N PRO B 37 14.90 10.65 -15.55
CA PRO B 37 16.20 10.32 -14.96
C PRO B 37 16.83 9.02 -15.47
N LYS B 38 16.09 8.14 -16.15
CA LYS B 38 16.73 6.93 -16.63
C LYS B 38 17.86 7.27 -17.60
N TRP B 39 17.82 8.47 -18.17
CA TRP B 39 18.82 8.84 -19.16
C TRP B 39 20.12 9.39 -18.55
N PHE B 40 20.18 9.50 -17.21
CA PHE B 40 21.45 9.82 -16.55
C PHE B 40 22.50 8.76 -16.83
N TYR B 41 22.03 7.54 -17.02
CA TYR B 41 22.87 6.37 -16.84
C TYR B 41 23.45 5.86 -18.16
N ASP B 42 24.44 6.60 -18.64
CA ASP B 42 25.35 6.10 -19.66
C ASP B 42 26.67 5.79 -18.99
N ALA B 43 27.74 5.57 -19.75
CA ALA B 43 29.01 5.15 -19.14
C ALA B 43 29.49 6.15 -18.11
N VAL B 44 29.45 7.42 -18.48
CA VAL B 44 29.87 8.51 -17.62
C VAL B 44 28.95 8.63 -16.40
N GLY B 45 27.64 8.59 -16.62
CA GLY B 45 26.70 8.78 -15.55
C GLY B 45 26.67 7.62 -14.56
N SER B 46 26.76 6.40 -15.06
CA SER B 46 26.81 5.22 -14.20
C SER B 46 28.07 5.29 -13.34
N ASP B 47 29.17 5.78 -13.89
CA ASP B 47 30.39 5.93 -13.09
C ASP B 47 30.24 7.05 -12.07
N LEU B 48 29.59 8.15 -12.43
CA LEU B 48 29.36 9.20 -11.44
C LEU B 48 28.45 8.69 -10.32
N PHE B 49 27.48 7.86 -10.64
CA PHE B 49 26.63 7.37 -9.56
C PHE B 49 27.43 6.47 -8.61
N ASP B 50 28.29 5.63 -9.18
CA ASP B 50 29.14 4.79 -8.35
C ASP B 50 29.95 5.66 -7.38
N GLN B 51 30.48 6.78 -7.89
CA GLN B 51 31.15 7.75 -7.02
C GLN B 51 30.24 8.32 -5.94
N ILE B 52 28.98 8.62 -6.30
CA ILE B 52 28.02 9.15 -5.34
C ILE B 52 27.84 8.20 -4.16
N THR B 53 27.89 6.89 -4.43
CA THR B 53 27.61 5.92 -3.37
C THR B 53 28.64 5.96 -2.26
N ARG B 54 29.79 6.59 -2.48
CA ARG B 54 30.81 6.66 -1.44
C ARG B 54 31.00 8.08 -0.86
N LEU B 55 30.16 9.04 -1.27
CA LEU B 55 30.20 10.39 -0.68
C LEU B 55 29.76 10.35 0.78
N PRO B 56 30.41 11.14 1.65
CA PRO B 56 29.99 11.07 3.06
C PRO B 56 28.56 11.55 3.28
N GLU B 57 28.08 12.48 2.46
CA GLU B 57 26.71 12.98 2.56
C GLU B 57 25.67 11.97 2.10
N TYR B 58 26.05 11.08 1.19
CA TYR B 58 25.09 10.19 0.54
C TYR B 58 24.99 8.90 1.34
N TYR B 59 24.17 8.92 2.39
CA TYR B 59 24.03 7.78 3.30
C TYR B 59 23.30 6.54 2.70
N PRO B 60 22.46 6.69 1.64
CA PRO B 60 21.68 5.50 1.32
C PRO B 60 22.45 4.21 1.02
N THR B 61 23.53 4.25 0.25
CA THR B 61 24.16 3.00 -0.17
C THR B 61 24.77 2.26 0.99
N ARG B 62 25.53 2.96 1.83
CA ARG B 62 26.20 2.35 2.96
CA ARG B 62 26.20 2.32 2.93
C ARG B 62 25.18 1.84 3.96
N THR B 63 24.06 2.55 4.09
CA THR B 63 23.05 2.17 5.07
C THR B 63 22.36 0.88 4.62
N GLU B 64 21.95 0.81 3.36
CA GLU B 64 21.35 -0.42 2.84
C GLU B 64 22.35 -1.59 2.82
N ALA B 65 23.60 -1.30 2.52
CA ALA B 65 24.62 -2.34 2.50
C ALA B 65 24.76 -2.97 3.87
N GLN B 66 24.71 -2.14 4.90
CA GLN B 66 24.77 -2.62 6.28
C GLN B 66 23.61 -3.55 6.58
N ILE B 67 22.40 -3.16 6.17
CA ILE B 67 21.24 -3.98 6.42
C ILE B 67 21.40 -5.31 5.68
N LEU B 68 21.85 -5.26 4.42
CA LEU B 68 22.01 -6.48 3.62
C LEU B 68 23.05 -7.40 4.21
N ARG B 69 24.12 -6.86 4.75
CA ARG B 69 25.13 -7.74 5.33
CA ARG B 69 25.14 -7.72 5.33
C ARG B 69 24.59 -8.47 6.54
N THR B 70 23.78 -7.78 7.34
CA THR B 70 23.16 -8.38 8.50
C THR B 70 22.04 -9.38 8.16
N ARG B 71 21.26 -9.08 7.11
CA ARG B 71 20.01 -9.79 6.87
C ARG B 71 20.01 -10.72 5.66
N SER B 72 21.07 -10.73 4.86
CA SER B 72 21.05 -11.56 3.65
C SER B 72 20.76 -13.04 3.94
N ALA B 73 21.33 -13.61 4.98
CA ALA B 73 21.06 -15.03 5.27
C ALA B 73 19.58 -15.23 5.56
N GLU B 74 18.98 -14.34 6.35
CA GLU B 74 17.56 -14.45 6.64
C GLU B 74 16.70 -14.24 5.39
N ILE B 75 17.08 -13.29 4.55
CA ILE B 75 16.35 -13.09 3.31
C ILE B 75 16.36 -14.33 2.44
N ILE B 76 17.54 -14.91 2.26
CA ILE B 76 17.66 -16.06 1.39
C ILE B 76 16.90 -17.26 1.97
N SER B 77 16.91 -17.40 3.30
CA SER B 77 16.18 -18.49 3.96
C SER B 77 14.67 -18.34 3.76
N ALA B 78 14.19 -17.13 3.95
CA ALA B 78 12.76 -16.86 3.81
C ALA B 78 12.28 -17.01 2.39
N ALA B 79 13.09 -16.56 1.43
CA ALA B 79 12.69 -16.63 0.04
C ALA B 79 12.84 -18.05 -0.52
N GLY B 80 13.90 -18.74 -0.13
CA GLY B 80 14.18 -20.08 -0.64
C GLY B 80 14.33 -20.14 -2.16
N ALA B 81 14.70 -19.00 -2.74
CA ALA B 81 14.79 -18.83 -4.18
C ALA B 81 16.17 -19.23 -4.69
N ASP B 82 16.25 -19.81 -5.88
CA ASP B 82 17.53 -20.09 -6.51
C ASP B 82 17.83 -19.21 -7.73
N THR B 83 16.91 -18.27 -8.00
CA THR B 83 17.04 -17.31 -9.08
C THR B 83 16.85 -15.92 -8.52
N LEU B 84 17.85 -15.06 -8.74
CA LEU B 84 17.80 -13.68 -8.26
C LEU B 84 17.68 -12.76 -9.46
N VAL B 85 16.56 -12.04 -9.52
CA VAL B 85 16.31 -11.03 -10.54
C VAL B 85 16.58 -9.69 -9.89
N GLU B 86 17.44 -8.87 -10.50
CA GLU B 86 17.67 -7.53 -9.94
C GLU B 86 17.30 -6.42 -10.90
N LEU B 87 16.37 -5.58 -10.47
CA LEU B 87 15.99 -4.41 -11.25
C LEU B 87 16.87 -3.19 -10.98
N GLY B 88 17.28 -2.49 -12.04
CA GLY B 88 18.16 -1.34 -11.90
C GLY B 88 19.44 -1.77 -11.21
N SER B 89 20.05 -2.82 -11.73
CA SER B 89 21.11 -3.50 -11.00
C SER B 89 22.43 -2.73 -10.89
N GLY B 90 22.74 -1.91 -11.88
CA GLY B 90 23.98 -1.17 -11.85
C GLY B 90 25.18 -2.09 -11.75
N THR B 91 26.12 -1.78 -10.87
CA THR B 91 27.32 -2.61 -10.69
C THR B 91 27.04 -3.86 -9.85
N SER B 92 25.84 -3.94 -9.27
CA SER B 92 25.45 -5.05 -8.40
C SER B 92 26.45 -5.27 -7.25
N GLU B 93 27.05 -4.20 -6.73
CA GLU B 93 27.95 -4.31 -5.61
C GLU B 93 27.25 -4.87 -4.38
N LYS B 94 26.10 -4.28 -4.00
CA LYS B 94 25.39 -4.72 -2.81
C LYS B 94 24.83 -6.13 -3.01
N THR B 95 24.49 -6.44 -4.26
CA THR B 95 23.88 -7.72 -4.60
C THR B 95 24.76 -8.92 -4.26
N ARG B 96 26.07 -8.69 -4.25
CA ARG B 96 26.99 -9.78 -3.89
C ARG B 96 26.71 -10.36 -2.51
N MET B 97 26.18 -9.57 -1.58
CA MET B 97 25.85 -10.10 -0.28
C MET B 97 24.72 -11.13 -0.35
N LEU B 98 23.76 -10.88 -1.23
CA LEU B 98 22.69 -11.84 -1.47
C LEU B 98 23.19 -13.07 -2.22
N LEU B 99 24.02 -12.86 -3.24
CA LEU B 99 24.59 -13.98 -3.99
C LEU B 99 25.45 -14.86 -3.09
N ASP B 100 26.24 -14.24 -2.21
CA ASP B 100 27.02 -15.00 -1.24
C ASP B 100 26.12 -15.87 -0.35
N ALA B 101 25.01 -15.31 0.10
CA ALA B 101 24.09 -16.04 0.97
C ALA B 101 23.42 -17.19 0.19
N MET B 102 23.06 -16.94 -1.07
CA MET B 102 22.51 -18.01 -1.91
C MET B 102 23.52 -19.14 -2.08
N ARG B 103 24.78 -18.79 -2.32
CA ARG B 103 25.85 -19.79 -2.44
C ARG B 103 26.02 -20.60 -1.15
N ASP B 104 26.03 -19.93 0.01
CA ASP B 104 26.09 -20.62 1.28
C ASP B 104 24.98 -21.65 1.40
N ALA B 105 23.80 -21.30 0.90
CA ALA B 105 22.61 -22.14 1.03
C ALA B 105 22.45 -23.17 -0.09
N GLU B 106 23.43 -23.24 -0.97
CA GLU B 106 23.39 -24.10 -2.16
C GLU B 106 22.16 -23.80 -3.03
N LEU B 107 21.85 -22.52 -3.13
CA LEU B 107 20.76 -22.01 -3.95
C LEU B 107 21.23 -21.06 -5.07
N LEU B 108 22.51 -21.00 -5.39
CA LEU B 108 22.94 -20.01 -6.37
C LEU B 108 22.89 -20.60 -7.78
N ARG B 109 21.71 -20.60 -8.39
CA ARG B 109 21.57 -21.14 -9.74
C ARG B 109 21.65 -20.09 -10.84
N ARG B 110 20.88 -19.00 -10.67
CA ARG B 110 20.69 -18.04 -11.74
C ARG B 110 20.61 -16.61 -11.24
N PHE B 111 21.21 -15.70 -12.00
CA PHE B 111 21.18 -14.27 -11.73
C PHE B 111 20.71 -13.57 -13.00
N ILE B 112 19.69 -12.72 -12.85
CA ILE B 112 19.10 -11.98 -13.96
C ILE B 112 19.16 -10.49 -13.64
N PRO B 113 20.28 -9.84 -13.96
CA PRO B 113 20.37 -8.39 -13.80
C PRO B 113 19.61 -7.70 -14.91
N PHE B 114 18.95 -6.59 -14.57
CA PHE B 114 18.05 -5.88 -15.46
C PHE B 114 18.40 -4.39 -15.34
N ASP B 115 18.78 -3.76 -16.43
CA ASP B 115 19.23 -2.36 -16.38
C ASP B 115 19.08 -1.69 -17.73
N VAL B 116 18.87 -0.38 -17.71
CA VAL B 116 18.79 0.43 -18.93
C VAL B 116 20.16 0.61 -19.60
N ASP B 117 21.23 0.47 -18.81
CA ASP B 117 22.61 0.69 -19.26
C ASP B 117 23.31 -0.63 -19.59
N ALA B 118 23.41 -0.93 -20.87
CA ALA B 118 24.00 -2.18 -21.32
C ALA B 118 25.46 -2.31 -20.92
N GLY B 119 26.17 -1.18 -20.84
CA GLY B 119 27.56 -1.21 -20.47
C GLY B 119 27.80 -1.74 -19.07
N VAL B 120 26.97 -1.32 -18.12
CA VAL B 120 27.16 -1.74 -16.75
C VAL B 120 26.73 -3.21 -16.61
N LEU B 121 25.75 -3.65 -17.39
CA LEU B 121 25.36 -5.05 -17.43
C LEU B 121 26.51 -5.91 -17.93
N ARG B 122 27.18 -5.46 -18.96
CA ARG B 122 28.26 -6.24 -19.53
C ARG B 122 29.40 -6.34 -18.52
N SER B 123 29.73 -5.21 -17.88
CA SER B 123 30.84 -5.21 -16.92
CA SER B 123 30.83 -5.22 -16.93
C SER B 123 30.49 -6.01 -15.68
N ALA B 124 29.28 -5.82 -15.16
CA ALA B 124 28.87 -6.53 -13.94
C ALA B 124 28.72 -8.02 -14.20
N GLY B 125 28.19 -8.37 -15.37
CA GLY B 125 28.02 -9.76 -15.75
C GLY B 125 29.34 -10.49 -15.84
N ALA B 126 30.36 -9.83 -16.37
CA ALA B 126 31.70 -10.41 -16.45
C ALA B 126 32.31 -10.61 -15.07
N ALA B 127 32.15 -9.62 -14.19
CA ALA B 127 32.70 -9.72 -12.84
C ALA B 127 31.96 -10.79 -12.02
N ILE B 128 30.64 -10.73 -12.01
CA ILE B 128 29.87 -11.70 -11.23
C ILE B 128 30.11 -13.11 -11.75
N GLY B 129 30.18 -13.25 -13.08
CA GLY B 129 30.45 -14.57 -13.67
C GLY B 129 31.77 -15.14 -13.19
N ALA B 130 32.79 -14.30 -13.08
CA ALA B 130 34.09 -14.76 -12.62
C ALA B 130 34.08 -15.02 -11.12
N GLU B 131 33.27 -14.27 -10.37
CA GLU B 131 33.28 -14.35 -8.93
C GLU B 131 32.49 -15.55 -8.43
N TYR B 132 31.54 -16.01 -9.25
CA TYR B 132 30.67 -17.12 -8.87
C TYR B 132 30.66 -18.17 -9.99
N PRO B 133 31.74 -18.96 -10.10
N PRO B 133 31.76 -18.94 -10.09
CA PRO B 133 31.92 -19.91 -11.20
CA PRO B 133 31.76 -20.08 -11.02
C PRO B 133 30.74 -20.82 -11.55
C PRO B 133 30.59 -20.98 -10.70
N GLY B 134 29.83 -21.12 -10.61
N GLY B 134 29.80 -21.34 -11.71
CA GLY B 134 28.71 -22.00 -10.90
CA GLY B 134 28.62 -22.14 -11.49
C GLY B 134 27.43 -21.32 -11.37
C GLY B 134 27.37 -21.30 -11.68
N ILE B 135 27.48 -20.00 -11.48
CA ILE B 135 26.31 -19.14 -11.72
C ILE B 135 25.96 -19.01 -13.19
N GLU B 136 24.66 -19.06 -13.50
CA GLU B 136 24.17 -18.74 -14.83
C GLU B 136 23.65 -17.30 -14.84
N ILE B 137 24.15 -16.49 -15.75
CA ILE B 137 23.75 -15.09 -15.82
C ILE B 137 23.02 -14.81 -17.11
N ASP B 138 21.80 -14.31 -16.98
CA ASP B 138 21.04 -13.91 -18.15
C ASP B 138 20.61 -12.46 -17.97
N ALA B 139 21.39 -11.56 -18.55
CA ALA B 139 21.14 -10.13 -18.39
C ALA B 139 20.06 -9.64 -19.34
N VAL B 140 19.29 -8.67 -18.86
CA VAL B 140 18.24 -8.04 -19.64
C VAL B 140 18.46 -6.54 -19.68
N CYS B 141 18.70 -5.98 -20.87
CA CYS B 141 18.76 -4.53 -21.01
C CYS B 141 17.37 -4.04 -21.34
N GLY B 142 16.80 -3.24 -20.43
CA GLY B 142 15.45 -2.75 -20.59
C GLY B 142 15.11 -1.67 -19.58
N ASP B 143 13.89 -1.20 -19.72
CA ASP B 143 13.26 -0.15 -18.90
C ASP B 143 12.30 -0.83 -17.93
N PHE B 144 12.47 -0.64 -16.62
CA PHE B 144 11.63 -1.39 -15.68
C PHE B 144 10.18 -0.88 -15.66
N GLU B 145 9.89 0.19 -16.39
CA GLU B 145 8.51 0.64 -16.53
C GLU B 145 7.82 0.02 -17.74
N GLU B 146 8.58 -0.68 -18.60
CA GLU B 146 8.05 -1.12 -19.89
C GLU B 146 8.30 -2.57 -20.20
N HIS B 147 9.40 -3.14 -19.69
CA HIS B 147 9.90 -4.40 -20.21
C HIS B 147 9.99 -5.52 -19.16
N LEU B 148 9.20 -5.41 -18.10
CA LEU B 148 9.23 -6.46 -17.07
C LEU B 148 8.76 -7.80 -17.63
N GLY B 149 7.87 -7.76 -18.60
CA GLY B 149 7.40 -8.98 -19.23
C GLY B 149 8.52 -9.75 -19.92
N LYS B 150 9.67 -9.12 -20.14
CA LYS B 150 10.81 -9.79 -20.78
C LYS B 150 11.61 -10.63 -19.79
N ILE B 151 11.32 -10.52 -18.49
CA ILE B 151 12.03 -11.29 -17.48
C ILE B 151 11.51 -12.73 -17.46
N PRO B 152 12.42 -13.72 -17.51
CA PRO B 152 11.96 -15.11 -17.47
C PRO B 152 11.27 -15.52 -16.17
N HIS B 153 10.30 -16.42 -16.28
CA HIS B 153 9.64 -17.09 -15.16
C HIS B 153 10.12 -18.52 -14.97
N VAL B 154 11.32 -18.71 -14.43
CA VAL B 154 11.79 -20.05 -14.16
C VAL B 154 12.43 -20.06 -12.77
N GLY B 155 12.18 -21.14 -12.04
CA GLY B 155 12.76 -21.34 -10.74
C GLY B 155 11.91 -20.65 -9.68
N ARG B 156 12.45 -20.56 -8.47
CA ARG B 156 11.79 -19.73 -7.49
C ARG B 156 12.56 -18.44 -7.48
N ARG B 157 11.85 -17.32 -7.71
CA ARG B 157 12.54 -16.06 -7.96
C ARG B 157 12.43 -15.10 -6.79
N LEU B 158 13.58 -14.59 -6.41
CA LEU B 158 13.70 -13.41 -5.56
C LEU B 158 13.99 -12.21 -6.45
N VAL B 159 13.03 -11.29 -6.55
CA VAL B 159 13.19 -10.09 -7.34
C VAL B 159 13.66 -9.02 -6.37
N VAL B 160 14.72 -8.32 -6.75
CA VAL B 160 15.43 -7.37 -5.89
C VAL B 160 15.42 -6.01 -6.54
N PHE B 161 15.03 -4.97 -5.79
CA PHE B 161 15.01 -3.61 -6.30
C PHE B 161 15.56 -2.71 -5.18
N LEU B 162 16.87 -2.53 -5.17
CA LEU B 162 17.58 -1.83 -4.13
C LEU B 162 17.65 -0.34 -4.33
N GLY B 163 18.11 0.34 -3.29
CA GLY B 163 18.67 1.66 -3.44
C GLY B 163 17.66 2.80 -3.37
N SER B 164 16.40 2.46 -3.20
CA SER B 164 15.31 3.45 -3.31
C SER B 164 15.13 3.98 -4.73
N THR B 165 15.55 3.20 -5.71
CA THR B 165 15.30 3.57 -7.10
C THR B 165 13.78 3.57 -7.36
N ILE B 166 13.01 2.85 -6.57
CA ILE B 166 11.57 2.91 -6.74
C ILE B 166 11.07 4.33 -6.43
N GLY B 167 11.84 5.07 -5.66
CA GLY B 167 11.52 6.46 -5.35
C GLY B 167 11.78 7.46 -6.46
N ASN B 168 12.38 6.98 -7.53
CA ASN B 168 12.65 7.81 -8.70
C ASN B 168 11.47 7.75 -9.68
N LEU B 169 10.36 7.19 -9.20
CA LEU B 169 9.04 7.23 -9.87
C LEU B 169 8.07 7.98 -8.97
N THR B 170 7.30 8.90 -9.52
CA THR B 170 6.28 9.57 -8.70
C THR B 170 5.15 8.60 -8.41
N PRO B 171 4.21 8.97 -7.52
CA PRO B 171 3.25 7.97 -7.05
C PRO B 171 2.42 7.21 -8.09
N ALA B 172 1.89 7.87 -9.11
CA ALA B 172 1.04 7.12 -10.03
C ALA B 172 1.88 6.15 -10.88
N PRO B 173 2.98 6.61 -11.50
CA PRO B 173 3.84 5.64 -12.19
C PRO B 173 4.41 4.56 -11.27
N ARG B 174 4.69 4.88 -10.01
CA ARG B 174 5.19 3.89 -9.08
C ARG B 174 4.15 2.81 -8.80
N ALA B 175 2.89 3.21 -8.62
CA ALA B 175 1.83 2.24 -8.38
C ALA B 175 1.62 1.35 -9.61
N GLU B 176 1.74 1.93 -10.80
CA GLU B 176 1.59 1.16 -12.04
C GLU B 176 2.73 0.14 -12.14
N PHE B 177 3.93 0.59 -11.83
CA PHE B 177 5.11 -0.27 -11.85
C PHE B 177 4.93 -1.44 -10.86
N LEU B 178 4.51 -1.12 -9.63
CA LEU B 178 4.42 -2.16 -8.62
C LEU B 178 3.35 -3.18 -8.94
N SER B 179 2.22 -2.71 -9.46
CA SER B 179 1.14 -3.61 -9.85
C SER B 179 1.58 -4.50 -11.00
N THR B 180 2.25 -3.91 -11.98
CA THR B 180 2.75 -4.67 -13.12
C THR B 180 3.78 -5.71 -12.66
N LEU B 181 4.69 -5.29 -11.80
CA LEU B 181 5.68 -6.19 -11.26
C LEU B 181 5.03 -7.35 -10.50
N ALA B 182 4.08 -7.02 -9.62
CA ALA B 182 3.40 -8.04 -8.83
C ALA B 182 2.72 -9.07 -9.73
N ASP B 183 2.13 -8.61 -10.82
CA ASP B 183 1.43 -9.53 -11.72
C ASP B 183 2.42 -10.45 -12.45
N THR B 184 3.69 -10.09 -12.52
CA THR B 184 4.70 -10.98 -13.16
C THR B 184 5.26 -11.99 -12.19
N LEU B 185 4.95 -11.82 -10.90
CA LEU B 185 5.40 -12.75 -9.87
C LEU B 185 4.43 -13.91 -9.76
N GLN B 186 4.96 -15.11 -9.56
CA GLN B 186 4.12 -16.26 -9.30
C GLN B 186 4.11 -16.49 -7.81
N PRO B 187 3.08 -17.20 -7.33
CA PRO B 187 3.13 -17.65 -5.94
C PRO B 187 4.45 -18.36 -5.66
N GLY B 188 5.06 -18.07 -4.52
CA GLY B 188 6.37 -18.63 -4.19
C GLY B 188 7.48 -17.60 -4.38
N ASP B 189 7.27 -16.66 -5.31
CA ASP B 189 8.26 -15.61 -5.55
C ASP B 189 8.21 -14.55 -4.47
N SER B 190 9.32 -13.84 -4.33
CA SER B 190 9.44 -12.79 -3.32
C SER B 190 9.99 -11.51 -3.95
N LEU B 191 9.67 -10.38 -3.34
CA LEU B 191 10.24 -9.09 -3.71
C LEU B 191 11.00 -8.53 -2.54
N LEU B 192 12.24 -8.11 -2.78
CA LEU B 192 13.05 -7.38 -1.81
C LEU B 192 13.21 -5.95 -2.30
N LEU B 193 12.71 -5.00 -1.51
CA LEU B 193 12.57 -3.62 -1.94
C LEU B 193 13.24 -2.69 -0.96
N GLY B 194 14.15 -1.84 -1.46
CA GLY B 194 14.80 -0.83 -0.65
C GLY B 194 14.09 0.50 -0.79
N THR B 195 13.77 1.13 0.34
CA THR B 195 13.12 2.45 0.35
C THR B 195 13.78 3.39 1.34
N ASP B 196 14.23 4.55 0.85
CA ASP B 196 14.81 5.57 1.74
C ASP B 196 13.68 6.25 2.51
N LEU B 197 13.91 6.55 3.78
CA LEU B 197 12.86 7.03 4.66
C LEU B 197 12.95 8.53 4.99
N VAL B 198 11.80 9.12 5.27
CA VAL B 198 11.73 10.50 5.71
C VAL B 198 12.60 10.66 6.96
N LYS B 199 13.29 11.80 7.01
CA LYS B 199 14.27 12.10 8.05
C LYS B 199 14.51 13.61 8.02
N ASP B 200 15.48 14.05 8.81
CA ASP B 200 15.86 15.46 8.84
C ASP B 200 16.07 16.02 7.42
N THR B 201 15.46 17.18 7.16
CA THR B 201 15.46 17.77 5.83
C THR B 201 16.85 18.16 5.40
N GLY B 202 17.65 18.66 6.33
CA GLY B 202 19.04 18.98 6.02
C GLY B 202 19.85 17.79 5.51
N ARG B 203 19.73 16.66 6.21
CA ARG B 203 20.41 15.44 5.79
C ARG B 203 19.99 15.04 4.40
N LEU B 204 18.70 15.17 4.13
CA LEU B 204 18.19 14.81 2.81
C LEU B 204 18.78 15.71 1.73
N VAL B 205 18.71 17.03 1.89
CA VAL B 205 19.15 17.89 0.82
C VAL B 205 20.68 17.75 0.63
N ARG B 206 21.44 17.68 1.71
CA ARG B 206 22.89 17.55 1.59
C ARG B 206 23.29 16.28 0.85
N ALA B 207 22.50 15.22 1.03
CA ALA B 207 22.78 13.97 0.31
C ALA B 207 22.73 14.13 -1.21
N TYR B 208 22.02 15.18 -1.66
CA TYR B 208 21.87 15.45 -3.10
C TYR B 208 22.60 16.74 -3.52
N ASP B 209 23.53 17.21 -2.70
CA ASP B 209 24.20 18.48 -2.95
C ASP B 209 25.55 18.49 -2.23
N ASP B 210 26.34 17.46 -2.54
CA ASP B 210 27.62 17.21 -1.88
C ASP B 210 28.65 18.29 -2.15
N ALA B 211 29.54 18.47 -1.18
CA ALA B 211 30.59 19.48 -1.30
C ALA B 211 31.50 19.23 -2.52
N ALA B 212 31.69 17.97 -2.86
CA ALA B 212 32.61 17.60 -3.94
C ALA B 212 32.10 17.96 -5.34
N GLY B 213 30.82 18.27 -5.48
CA GLY B 213 30.27 18.61 -6.78
C GLY B 213 29.97 17.41 -7.69
N VAL B 214 29.99 16.20 -7.13
CA VAL B 214 29.79 14.98 -7.91
C VAL B 214 28.31 14.84 -8.35
N THR B 215 27.38 15.11 -7.44
CA THR B 215 25.96 15.03 -7.79
C THR B 215 25.62 16.05 -8.86
N ALA B 216 26.23 17.23 -8.78
CA ALA B 216 25.97 18.26 -9.80
C ALA B 216 26.41 17.79 -11.18
N ALA B 217 27.57 17.13 -11.22
CA ALA B 217 28.10 16.57 -12.47
C ALA B 217 27.17 15.48 -13.00
N PHE B 218 26.68 14.63 -12.08
CA PHE B 218 25.73 13.57 -12.44
C PHE B 218 24.47 14.16 -13.07
N ASN B 219 23.95 15.22 -12.46
CA ASN B 219 22.73 15.87 -12.94
C ASN B 219 22.96 16.46 -14.34
N ARG B 220 23.99 17.28 -14.47
CA ARG B 220 24.29 17.89 -15.76
C ARG B 220 24.59 16.84 -16.84
N ASN B 221 24.94 15.63 -16.46
CA ASN B 221 25.26 14.61 -17.46
C ASN B 221 24.08 14.28 -18.38
N VAL B 222 22.85 14.47 -17.93
CA VAL B 222 21.73 14.16 -18.81
C VAL B 222 21.79 15.13 -20.00
N LEU B 223 22.30 16.33 -19.79
CA LEU B 223 22.47 17.25 -20.91
C LEU B 223 23.54 16.76 -21.88
N ALA B 224 24.63 16.19 -21.33
CA ALA B 224 25.66 15.61 -22.18
C ALA B 224 25.09 14.44 -22.99
N VAL B 225 24.24 13.63 -22.38
CA VAL B 225 23.62 12.53 -23.12
C VAL B 225 22.75 13.03 -24.28
N VAL B 226 21.90 14.02 -24.01
CA VAL B 226 21.02 14.55 -25.04
C VAL B 226 21.86 15.23 -26.13
N ASN B 227 22.89 15.96 -25.72
CA ASN B 227 23.76 16.60 -26.70
C ASN B 227 24.34 15.58 -27.66
N ARG B 228 24.83 14.48 -27.13
CA ARG B 228 25.46 13.46 -27.94
C ARG B 228 24.46 12.67 -28.77
N GLU B 229 23.44 12.12 -28.12
CA GLU B 229 22.54 11.20 -28.80
C GLU B 229 21.59 11.90 -29.76
N LEU B 230 21.16 13.12 -29.43
CA LEU B 230 20.18 13.85 -30.25
C LEU B 230 20.77 15.12 -30.89
N SER B 231 22.09 15.24 -30.87
CA SER B 231 22.78 16.37 -31.49
C SER B 231 22.22 17.72 -31.04
N ALA B 232 22.16 17.88 -29.73
CA ALA B 232 21.74 19.12 -29.14
C ALA B 232 22.95 19.97 -28.73
N ASP B 233 22.69 21.19 -28.29
CA ASP B 233 23.76 22.14 -27.99
C ASP B 233 23.58 22.81 -26.63
N PHE B 234 23.12 22.04 -25.65
CA PHE B 234 23.14 22.49 -24.26
C PHE B 234 24.54 22.91 -23.86
N ASP B 235 24.64 24.08 -23.27
CA ASP B 235 25.85 24.54 -22.62
C ASP B 235 25.79 24.11 -21.16
N LEU B 236 26.51 23.04 -20.82
CA LEU B 236 26.40 22.43 -19.49
C LEU B 236 26.78 23.40 -18.38
N ASP B 237 27.77 24.25 -18.64
CA ASP B 237 28.25 25.22 -17.66
C ASP B 237 27.20 26.30 -17.35
N ALA B 238 26.23 26.49 -18.24
CA ALA B 238 25.18 27.47 -18.05
C ALA B 238 24.03 26.97 -17.19
N PHE B 239 24.09 25.70 -16.78
CA PHE B 239 23.03 25.15 -15.96
C PHE B 239 23.54 24.81 -14.56
N GLU B 240 22.87 25.41 -13.59
CA GLU B 240 23.19 25.24 -12.18
C GLU B 240 22.42 24.05 -11.59
N HIS B 241 23.09 23.23 -10.83
CA HIS B 241 22.46 22.16 -10.08
C HIS B 241 21.77 22.66 -8.88
N VAL B 242 20.51 22.27 -8.75
CA VAL B 242 19.70 22.65 -7.61
C VAL B 242 19.01 21.42 -7.04
N ALA B 243 19.28 21.14 -5.76
CA ALA B 243 18.56 20.11 -5.01
C ALA B 243 17.56 20.78 -4.08
N LYS B 244 16.33 20.28 -4.11
CA LYS B 244 15.24 20.81 -3.29
C LYS B 244 14.53 19.72 -2.50
N TRP B 245 14.04 20.08 -1.32
CA TRP B 245 13.07 19.29 -0.58
C TRP B 245 11.70 19.87 -0.82
N ASN B 246 10.83 19.05 -1.37
CA ASN B 246 9.46 19.40 -1.63
C ASN B 246 8.67 18.82 -0.46
N SER B 247 8.30 19.69 0.48
CA SER B 247 7.69 19.22 1.71
C SER B 247 6.28 18.67 1.54
N ASP B 248 5.51 19.23 0.60
CA ASP B 248 4.15 18.73 0.33
C ASP B 248 4.16 17.30 -0.16
N GLU B 249 5.13 16.96 -1.00
CA GLU B 249 5.19 15.63 -1.63
C GLU B 249 6.16 14.70 -0.90
N GLU B 250 6.85 15.24 0.09
CA GLU B 250 7.93 14.53 0.80
C GLU B 250 8.88 13.85 -0.16
N ARG B 251 9.45 14.68 -1.04
CA ARG B 251 10.37 14.19 -2.06
CA ARG B 251 10.37 14.21 -2.06
C ARG B 251 11.53 15.16 -2.30
N ILE B 252 12.70 14.59 -2.54
CA ILE B 252 13.84 15.32 -3.04
C ILE B 252 13.62 15.52 -4.54
N GLU B 253 14.07 16.65 -5.05
CA GLU B 253 14.03 16.96 -6.48
C GLU B 253 15.39 17.45 -6.92
N MET B 254 15.85 16.99 -8.07
CA MET B 254 16.99 17.60 -8.75
C MET B 254 16.47 18.43 -9.91
N TRP B 255 16.99 19.64 -9.98
CA TRP B 255 16.67 20.60 -11.03
C TRP B 255 17.94 21.11 -11.68
N LEU B 256 17.83 21.54 -12.92
CA LEU B 256 18.89 22.26 -13.60
C LEU B 256 18.36 23.66 -13.89
N ARG B 257 19.08 24.69 -13.45
CA ARG B 257 18.57 26.06 -13.55
C ARG B 257 19.45 26.86 -14.50
N ALA B 258 18.81 27.49 -15.48
CA ALA B 258 19.53 28.33 -16.44
C ALA B 258 20.10 29.55 -15.74
N ARG B 259 21.42 29.74 -15.83
CA ARG B 259 22.08 30.89 -15.20
C ARG B 259 21.72 32.18 -15.93
N THR B 260 21.60 32.05 -17.25
CA THR B 260 21.24 33.13 -18.14
C THR B 260 20.32 32.54 -19.20
N ALA B 261 19.68 33.38 -20.00
CA ALA B 261 18.83 32.89 -21.08
C ALA B 261 19.62 32.00 -21.99
N GLN B 262 19.00 30.90 -22.41
CA GLN B 262 19.60 29.92 -23.28
C GLN B 262 18.66 29.57 -24.40
N HIS B 263 19.20 29.42 -25.60
CA HIS B 263 18.44 28.88 -26.71
CA HIS B 263 18.44 28.88 -26.72
C HIS B 263 19.09 27.56 -27.11
N VAL B 264 18.29 26.50 -27.10
CA VAL B 264 18.78 25.17 -27.37
C VAL B 264 18.10 24.59 -28.58
N ARG B 265 18.92 24.04 -29.46
CA ARG B 265 18.44 23.32 -30.62
C ARG B 265 18.78 21.83 -30.48
N VAL B 266 17.75 20.99 -30.53
CA VAL B 266 17.92 19.56 -30.50
C VAL B 266 17.78 19.10 -31.95
N ALA B 267 18.90 18.94 -32.62
CA ALA B 267 18.89 18.79 -34.07
C ALA B 267 18.13 17.55 -34.53
N ALA B 268 18.28 16.45 -33.81
CA ALA B 268 17.64 15.19 -34.19
C ALA B 268 16.12 15.28 -34.18
N LEU B 269 15.58 16.22 -33.41
CA LEU B 269 14.14 16.45 -33.32
C LEU B 269 13.66 17.66 -34.13
N ASP B 270 14.59 18.34 -34.80
CA ASP B 270 14.29 19.61 -35.46
C ASP B 270 13.53 20.51 -34.52
N LEU B 271 14.02 20.59 -33.28
CA LEU B 271 13.30 21.24 -32.19
C LEU B 271 14.15 22.33 -31.55
N GLU B 272 13.58 23.53 -31.46
CA GLU B 272 14.22 24.61 -30.74
C GLU B 272 13.39 24.97 -29.51
N VAL B 273 14.08 25.14 -28.39
CA VAL B 273 13.43 25.58 -27.16
C VAL B 273 14.25 26.68 -26.51
N ASP B 274 13.58 27.43 -25.64
CA ASP B 274 14.20 28.53 -24.90
C ASP B 274 14.14 28.26 -23.41
N PHE B 275 15.20 28.68 -22.71
CA PHE B 275 15.19 28.82 -21.28
C PHE B 275 15.31 30.30 -20.90
N ALA B 276 14.37 30.81 -20.14
CA ALA B 276 14.52 32.14 -19.54
C ALA B 276 15.60 32.08 -18.48
N ALA B 277 16.23 33.21 -18.20
CA ALA B 277 17.21 33.25 -17.11
C ALA B 277 16.50 32.88 -15.81
N GLY B 278 17.05 31.89 -15.11
CA GLY B 278 16.47 31.41 -13.87
C GLY B 278 15.43 30.32 -14.03
N GLU B 279 15.11 29.96 -15.27
CA GLU B 279 14.15 28.89 -15.54
C GLU B 279 14.75 27.54 -15.13
N GLU B 280 13.90 26.74 -14.49
CA GLU B 280 14.31 25.45 -13.94
C GLU B 280 13.65 24.29 -14.69
N MET B 281 14.44 23.24 -14.88
CA MET B 281 13.99 22.02 -15.53
C MET B 281 14.16 20.86 -14.54
N LEU B 282 13.12 20.07 -14.35
CA LEU B 282 13.16 18.94 -13.42
C LEU B 282 13.85 17.75 -14.05
N THR B 283 14.90 17.24 -13.43
CA THR B 283 15.60 16.06 -13.96
C THR B 283 15.41 14.78 -13.12
N GLU B 284 15.00 14.91 -11.86
CA GLU B 284 14.78 13.71 -11.05
C GLU B 284 13.95 13.99 -9.82
N VAL B 285 13.05 13.07 -9.50
CA VAL B 285 12.45 13.03 -8.17
C VAL B 285 13.04 11.87 -7.38
N SER B 286 13.09 12.03 -6.06
CA SER B 286 13.47 10.93 -5.19
C SER B 286 12.54 10.98 -3.99
N LYS B 288 10.62 10.06 -0.67
CA LYS B 288 11.01 9.49 0.59
C LYS B 288 9.80 8.96 1.31
N PHE B 289 9.97 7.85 1.97
CA PHE B 289 8.85 7.03 2.46
C PHE B 289 8.71 7.03 3.95
N ARG B 290 7.47 6.86 4.38
CA ARG B 290 7.18 6.53 5.76
C ARG B 290 6.93 5.05 5.81
N PRO B 291 7.40 4.35 6.85
CA PRO B 291 7.23 2.88 6.90
C PRO B 291 5.81 2.39 6.63
N GLU B 292 4.80 3.04 7.20
CA GLU B 292 3.41 2.65 7.00
C GLU B 292 2.96 2.73 5.54
N ASN B 293 3.54 3.65 4.78
CA ASN B 293 3.13 3.76 3.38
C ASN B 293 3.82 2.73 2.49
N VAL B 294 4.97 2.21 2.90
CA VAL B 294 5.59 1.12 2.15
C VAL B 294 4.73 -0.15 2.25
N VAL B 295 4.32 -0.49 3.47
CA VAL B 295 3.40 -1.61 3.68
C VAL B 295 2.15 -1.44 2.82
N ALA B 296 1.58 -0.25 2.86
CA ALA B 296 0.31 -0.02 2.17
C ALA B 296 0.46 -0.09 0.66
N GLU B 297 1.52 0.53 0.13
CA GLU B 297 1.70 0.53 -1.32
C GLU B 297 1.89 -0.91 -1.82
N LEU B 298 2.65 -1.70 -1.08
CA LEU B 298 2.83 -3.09 -1.42
C LEU B 298 1.50 -3.84 -1.40
N ALA B 299 0.69 -3.57 -0.38
CA ALA B 299 -0.62 -4.23 -0.30
C ALA B 299 -1.54 -3.85 -1.46
N GLU B 300 -1.57 -2.58 -1.83
CA GLU B 300 -2.40 -2.12 -2.95
C GLU B 300 -1.99 -2.82 -4.24
N ALA B 301 -0.72 -3.16 -4.35
CA ALA B 301 -0.22 -3.85 -5.55
C ALA B 301 -0.46 -5.36 -5.53
N GLY B 302 -0.98 -5.88 -4.42
CA GLY B 302 -1.23 -7.31 -4.28
C GLY B 302 -0.11 -8.10 -3.64
N LEU B 303 0.82 -7.41 -2.98
CA LEU B 303 1.93 -8.07 -2.30
C LEU B 303 1.77 -7.88 -0.80
N ARG B 304 2.28 -8.82 -0.04
CA ARG B 304 2.20 -8.76 1.42
C ARG B 304 3.59 -8.68 2.00
N GLN B 305 3.88 -7.59 2.70
CA GLN B 305 5.16 -7.46 3.41
C GLN B 305 5.24 -8.46 4.53
N THR B 306 6.28 -9.29 4.51
CA THR B 306 6.50 -10.32 5.53
C THR B 306 7.64 -9.91 6.49
N HIS B 307 8.58 -9.12 5.99
CA HIS B 307 9.71 -8.67 6.78
C HIS B 307 10.00 -7.20 6.53
N TRP B 308 10.51 -6.52 7.53
CA TRP B 308 10.88 -5.13 7.45
C TRP B 308 12.12 -4.96 8.31
N TRP B 309 13.16 -4.39 7.73
CA TRP B 309 14.39 -4.17 8.44
C TRP B 309 14.82 -2.75 8.20
N THR B 310 15.33 -2.11 9.24
CA THR B 310 16.02 -0.86 9.09
C THR B 310 17.38 -1.00 9.75
N ASP B 311 18.29 -0.11 9.37
CA ASP B 311 19.51 0.12 10.14
C ASP B 311 19.08 0.59 11.51
N PRO B 312 19.94 0.39 12.53
CA PRO B 312 19.52 0.78 13.89
C PRO B 312 19.03 2.23 14.02
N ALA B 313 19.55 3.12 13.18
CA ALA B 313 19.20 4.54 13.24
C ALA B 313 17.88 4.85 12.53
N GLY B 314 17.38 3.92 11.73
CA GLY B 314 16.10 4.12 11.05
C GLY B 314 16.16 5.01 9.80
N ASP B 315 17.33 5.13 9.19
CA ASP B 315 17.47 5.95 7.99
C ASP B 315 16.90 5.33 6.71
N PHE B 316 16.85 4.01 6.65
CA PHE B 316 16.59 3.31 5.40
C PHE B 316 15.87 2.02 5.73
N GLY B 317 14.93 1.62 4.88
CA GLY B 317 14.17 0.42 5.10
C GLY B 317 14.25 -0.58 3.98
N LEU B 318 14.26 -1.84 4.37
CA LEU B 318 14.27 -2.94 3.45
C LEU B 318 13.09 -3.85 3.72
N SER B 319 12.29 -4.10 2.68
CA SER B 319 11.08 -4.93 2.75
CA SER B 319 11.11 -4.94 2.81
C SER B 319 11.28 -6.23 2.01
N LEU B 320 10.82 -7.33 2.60
CA LEU B 320 10.61 -8.57 1.87
C LEU B 320 9.10 -8.76 1.79
N ALA B 321 8.60 -9.03 0.60
CA ALA B 321 7.17 -9.19 0.38
C ALA B 321 6.90 -10.38 -0.53
N VAL B 322 5.74 -10.99 -0.35
CA VAL B 322 5.40 -12.17 -1.12
C VAL B 322 4.15 -11.95 -1.95
N ARG B 323 4.18 -12.64 -3.08
CA ARG B 323 3.08 -12.68 -4.04
C ARG B 323 2.09 -13.73 -3.58
#